data_6QE0
#
_entry.id   6QE0
#
_cell.length_a   47.820
_cell.length_b   58.400
_cell.length_c   49.230
_cell.angle_alpha   90.00
_cell.angle_beta   97.32
_cell.angle_gamma   90.00
#
_symmetry.space_group_name_H-M   'P 1 21 1'
#
loop_
_entity.id
_entity.type
_entity.pdbx_description
1 polymer 'Ribosomal RNA large subunit methyltransferase J'
2 non-polymer '(2~{S})-4-[[(2~{R},3~{S},4~{R},5~{R})-5-(6-aminopurin-9-yl)-3,4-bis(oxidanyl)oxolan-2-yl]methyl-[2-[[9-[(2~{R},3~{R},4~{S},5~{R})-5-(hydroxymethyl)-3,4-bis(oxidanyl)oxolan-2-yl]purin-6-yl]amino]ethyl]amino]-2-azanyl-butanoic acid'
3 water water
#
_entity_poly.entity_id   1
_entity_poly.type   'polypeptide(L)'
_entity_poly.pdbx_seq_one_letter_code
;GSHMLSYRHSFHAGNHADVLKHTVQSLIIESLKEKDKPFLYLDTHAGAGRYQLGSEHAERTGKYLEGIARIWQQDDLPAE
LEAYINVVKHFNRSGQLRYYPGSPLIARQLLREQDSLQLTELHPSDYPLLRSEFQKDSRARVEKADGFQQLKAKLPPVSR
RGLILIDPPYEMKTDYQAVVSGIAEGYKRFATGTYALWYPVVLRQQIKRMIHDLEATGIRKILQIELAVLPDSDRRGMTA
SGMIVINPPWKLEQQMNNVLPWLHSKLVPAGTGHATVSWIVPE
;
_entity_poly.pdbx_strand_id   A
#
loop_
_chem_comp.id
_chem_comp.type
_chem_comp.name
_chem_comp.formula
HZ2 non-polymer '(2~{S})-4-[[(2~{R},3~{S},4~{R},5~{R})-5-(6-aminopurin-9-yl)-3,4-bis(oxidanyl)oxolan-2-yl]methyl-[2-[[9-[(2~{R},3~{R},4~{S},5~{R})-5-(hydroxymethyl)-3,4-bis(oxidanyl)oxolan-2-yl]purin-6-yl]amino]ethyl]amino]-2-azanyl-butanoic acid' 'C26 H36 N12 O9'
#
# COMPACT_ATOMS: atom_id res chain seq x y z
N GLY A 1 16.04 -16.84 19.59
CA GLY A 1 17.29 -16.24 19.15
C GLY A 1 17.15 -15.54 17.81
N SER A 2 18.15 -14.73 17.46
CA SER A 2 18.07 -13.94 16.23
C SER A 2 18.23 -14.80 14.98
N HIS A 3 18.74 -16.03 15.13
CA HIS A 3 18.96 -16.88 13.97
C HIS A 3 17.69 -17.55 13.46
N MET A 4 16.68 -17.71 14.33
CA MET A 4 15.42 -18.37 13.95
C MET A 4 14.27 -17.50 14.44
N LEU A 5 13.71 -16.70 13.55
CA LEU A 5 12.67 -15.75 13.90
C LEU A 5 11.29 -16.35 13.70
N SER A 6 10.36 -15.96 14.55
CA SER A 6 8.96 -16.32 14.39
C SER A 6 8.26 -15.20 13.64
N TYR A 7 7.40 -15.57 12.70
CA TYR A 7 6.65 -14.56 11.95
C TYR A 7 5.80 -13.71 12.88
N ARG A 8 5.59 -12.46 12.48
CA ARG A 8 4.79 -11.53 13.27
C ARG A 8 3.31 -11.86 13.13
N HIS A 9 2.62 -11.94 14.27
CA HIS A 9 1.17 -12.02 14.28
C HIS A 9 0.59 -10.63 14.10
N SER A 10 -0.58 -10.56 13.48
CA SER A 10 -1.29 -9.29 13.37
C SER A 10 -2.78 -9.52 13.49
N PHE A 11 -3.44 -8.67 14.26
CA PHE A 11 -4.90 -8.67 14.33
C PHE A 11 -5.52 -7.99 13.11
N HIS A 12 -4.79 -7.03 12.53
CA HIS A 12 -5.33 -6.13 11.52
C HIS A 12 -5.03 -6.58 10.09
N ALA A 13 -4.02 -7.41 9.89
CA ALA A 13 -3.54 -7.69 8.55
C ALA A 13 -4.65 -8.32 7.71
N GLY A 14 -4.72 -7.90 6.44
CA GLY A 14 -5.77 -8.37 5.54
C GLY A 14 -7.11 -7.73 5.74
N ASN A 15 -7.17 -6.62 6.46
CA ASN A 15 -8.44 -5.92 6.63
C ASN A 15 -8.82 -5.18 5.37
N HIS A 16 -9.93 -4.45 5.43
CA HIS A 16 -10.41 -3.75 4.24
C HIS A 16 -9.38 -2.76 3.71
N ALA A 17 -8.65 -2.09 4.62
CA ALA A 17 -7.64 -1.12 4.19
C ALA A 17 -6.51 -1.80 3.44
N ASP A 18 -6.04 -2.94 3.94
CA ASP A 18 -4.98 -3.69 3.27
C ASP A 18 -5.45 -4.15 1.89
N VAL A 19 -6.67 -4.65 1.82
CA VAL A 19 -7.22 -5.05 0.51
C VAL A 19 -7.15 -3.91 -0.47
N LEU A 20 -7.63 -2.73 -0.09
CA LEU A 20 -7.58 -1.59 -1.01
C LEU A 20 -6.14 -1.22 -1.34
N LYS A 21 -5.29 -1.13 -0.32
CA LYS A 21 -3.93 -0.60 -0.52
C LYS A 21 -3.09 -1.54 -1.39
N HIS A 22 -3.16 -2.83 -1.12
CA HIS A 22 -2.35 -3.80 -1.87
C HIS A 22 -2.92 -4.05 -3.25
N THR A 23 -4.25 -3.95 -3.41
CA THR A 23 -4.84 -3.93 -4.74
C THR A 23 -4.24 -2.82 -5.59
N VAL A 24 -4.24 -1.61 -5.05
CA VAL A 24 -3.72 -0.47 -5.81
C VAL A 24 -2.23 -0.62 -6.08
N GLN A 25 -1.47 -1.07 -5.07
CA GLN A 25 -0.04 -1.33 -5.26
C GLN A 25 0.19 -2.32 -6.39
N SER A 26 -0.56 -3.42 -6.39
CA SER A 26 -0.35 -4.44 -7.42
C SER A 26 -0.70 -3.92 -8.81
N LEU A 27 -1.77 -3.12 -8.93
CA LEU A 27 -2.14 -2.59 -10.22
C LEU A 27 -1.08 -1.65 -10.76
N ILE A 28 -0.47 -0.84 -9.88
CA ILE A 28 0.61 0.03 -10.32
C ILE A 28 1.82 -0.78 -10.75
N ILE A 29 2.24 -1.73 -9.91
CA ILE A 29 3.37 -2.60 -10.28
C ILE A 29 3.12 -3.25 -11.65
N GLU A 30 1.94 -3.82 -11.87
CA GLU A 30 1.69 -4.47 -13.15
C GLU A 30 1.77 -3.50 -14.31
N SER A 31 1.37 -2.25 -14.10
CA SER A 31 1.45 -1.26 -15.17
C SER A 31 2.89 -0.88 -15.47
N LEU A 32 3.70 -0.67 -14.43
CA LEU A 32 5.11 -0.39 -14.65
C LEU A 32 5.79 -1.52 -15.40
N LYS A 33 5.32 -2.75 -15.22
CA LYS A 33 5.88 -3.90 -15.92
C LYS A 33 5.50 -3.94 -17.39
N GLU A 34 4.73 -2.97 -17.88
CA GLU A 34 4.38 -2.91 -19.31
C GLU A 34 5.55 -2.44 -20.17
N LYS A 35 6.61 -1.92 -19.58
CA LYS A 35 7.85 -1.63 -20.28
C LYS A 35 8.96 -2.50 -19.72
N ASP A 36 9.82 -3.02 -20.60
CA ASP A 36 10.89 -3.89 -20.16
C ASP A 36 11.88 -3.19 -19.24
N LYS A 37 12.00 -1.87 -19.34
CA LYS A 37 13.03 -1.16 -18.60
C LYS A 37 12.82 -1.33 -17.11
N PRO A 38 13.90 -1.41 -16.32
CA PRO A 38 13.75 -1.68 -14.89
C PRO A 38 13.09 -0.52 -14.15
N PHE A 39 12.54 -0.82 -12.98
CA PHE A 39 12.04 0.23 -12.10
C PHE A 39 12.35 -0.13 -10.66
N LEU A 40 12.27 0.89 -9.81
CA LEU A 40 12.46 0.75 -8.36
C LEU A 40 11.11 0.73 -7.65
N TYR A 41 10.97 -0.16 -6.66
CA TYR A 41 9.89 -0.13 -5.69
C TYR A 41 10.47 0.34 -4.36
N LEU A 42 9.99 1.46 -3.85
CA LEU A 42 10.52 2.04 -2.62
C LEU A 42 9.38 2.00 -1.60
N ASP A 43 9.63 1.37 -0.46
CA ASP A 43 8.60 1.15 0.58
C ASP A 43 9.12 1.87 1.82
N THR A 44 8.56 3.04 2.13
CA THR A 44 9.10 3.87 3.20
C THR A 44 8.88 3.25 4.56
N HIS A 45 7.68 2.68 4.80
CA HIS A 45 7.35 2.04 6.06
C HIS A 45 6.87 0.63 5.76
N ALA A 46 7.82 -0.30 5.66
CA ALA A 46 7.58 -1.60 5.04
C ALA A 46 7.00 -2.66 5.98
N GLY A 47 7.09 -2.46 7.29
CA GLY A 47 6.55 -3.49 8.16
C GLY A 47 7.43 -4.73 8.23
N ALA A 48 6.80 -5.84 8.64
CA ALA A 48 7.54 -7.09 8.83
C ALA A 48 7.70 -7.88 7.54
N GLY A 49 6.77 -7.73 6.61
CA GLY A 49 6.85 -8.43 5.34
C GLY A 49 5.65 -9.32 5.11
N ARG A 50 5.39 -10.22 6.06
CA ARG A 50 4.19 -11.02 6.10
C ARG A 50 3.69 -11.06 7.54
N TYR A 51 2.42 -11.45 7.70
CA TYR A 51 1.81 -11.53 9.01
C TYR A 51 1.06 -12.83 9.14
N GLN A 52 1.22 -13.46 10.31
CA GLN A 52 0.50 -14.68 10.62
C GLN A 52 -0.89 -14.33 11.15
N LEU A 53 -1.90 -14.94 10.54
CA LEU A 53 -3.29 -14.60 10.80
C LEU A 53 -3.87 -15.53 11.86
N GLY A 54 -4.82 -14.99 12.62
CA GLY A 54 -5.40 -15.70 13.75
C GLY A 54 -6.27 -16.88 13.35
N ARG A 60 -11.13 -12.45 20.02
CA ARG A 60 -11.19 -11.46 18.96
C ARG A 60 -10.68 -12.04 17.65
N THR A 61 -11.60 -12.40 16.76
CA THR A 61 -11.19 -12.89 15.45
C THR A 61 -10.57 -11.75 14.64
N GLY A 62 -9.49 -12.08 13.94
CA GLY A 62 -8.76 -11.06 13.20
C GLY A 62 -9.58 -10.46 12.08
N LYS A 63 -9.17 -9.24 11.70
CA LYS A 63 -9.90 -8.50 10.67
C LYS A 63 -9.79 -9.13 9.30
N TYR A 64 -8.83 -10.03 9.10
CA TYR A 64 -8.72 -10.70 7.81
C TYR A 64 -10.01 -11.42 7.44
N LEU A 65 -10.78 -11.85 8.44
CA LEU A 65 -12.01 -12.57 8.16
C LEU A 65 -13.05 -11.67 7.53
N GLU A 66 -12.97 -10.37 7.77
CA GLU A 66 -13.88 -9.42 7.16
C GLU A 66 -13.29 -8.74 5.91
N GLY A 67 -12.00 -8.93 5.61
CA GLY A 67 -11.38 -8.34 4.45
C GLY A 67 -10.97 -9.35 3.39
N ILE A 68 -9.68 -9.74 3.40
CA ILE A 68 -9.13 -10.63 2.38
C ILE A 68 -9.91 -11.95 2.28
N ALA A 69 -10.38 -12.48 3.42
CA ALA A 69 -11.06 -13.77 3.39
C ALA A 69 -12.33 -13.71 2.56
N ARG A 70 -12.98 -12.56 2.52
CA ARG A 70 -14.25 -12.43 1.80
C ARG A 70 -14.09 -12.33 0.29
N ILE A 71 -12.86 -12.23 -0.23
CA ILE A 71 -12.67 -12.01 -1.66
C ILE A 71 -11.78 -13.07 -2.32
N TRP A 72 -10.78 -13.59 -1.59
CA TRP A 72 -9.70 -14.32 -2.24
C TRP A 72 -10.15 -15.61 -2.94
N GLN A 73 -11.27 -16.20 -2.55
CA GLN A 73 -11.73 -17.44 -3.15
C GLN A 73 -13.03 -17.29 -3.93
N GLN A 74 -13.46 -16.05 -4.20
CA GLN A 74 -14.71 -15.86 -4.93
C GLN A 74 -14.54 -16.22 -6.40
N ASP A 75 -15.53 -16.93 -6.93
CA ASP A 75 -15.47 -17.38 -8.32
C ASP A 75 -15.52 -16.22 -9.31
N ASP A 76 -16.17 -15.12 -8.93
CA ASP A 76 -16.30 -13.96 -9.80
C ASP A 76 -15.30 -12.86 -9.47
N LEU A 77 -14.13 -13.22 -8.97
CA LEU A 77 -13.12 -12.22 -8.65
C LEU A 77 -12.83 -11.39 -9.89
N PRO A 78 -12.90 -10.06 -9.81
CA PRO A 78 -12.64 -9.24 -10.99
C PRO A 78 -11.20 -9.42 -11.47
N ALA A 79 -11.02 -9.26 -12.78
CA ALA A 79 -9.71 -9.49 -13.38
C ALA A 79 -8.65 -8.59 -12.76
N GLU A 80 -9.04 -7.37 -12.39
CA GLU A 80 -8.10 -6.40 -11.82
C GLU A 80 -7.52 -6.86 -10.49
N LEU A 81 -8.14 -7.83 -9.83
CA LEU A 81 -7.66 -8.31 -8.54
C LEU A 81 -6.76 -9.52 -8.66
N GLU A 82 -6.59 -10.06 -9.87
CA GLU A 82 -5.96 -11.36 -10.00
C GLU A 82 -4.50 -11.35 -9.59
N ALA A 83 -3.75 -10.29 -9.93
CA ALA A 83 -2.34 -10.26 -9.56
C ALA A 83 -2.16 -10.24 -8.05
N TYR A 84 -2.96 -9.41 -7.38
CA TYR A 84 -2.93 -9.34 -5.92
C TYR A 84 -3.30 -10.68 -5.31
N ILE A 85 -4.43 -11.25 -5.74
CA ILE A 85 -4.89 -12.49 -5.12
C ILE A 85 -3.94 -13.64 -5.37
N ASN A 86 -3.28 -13.67 -6.54
CA ASN A 86 -2.32 -14.73 -6.81
C ASN A 86 -1.11 -14.65 -5.88
N VAL A 87 -0.74 -13.45 -5.44
CA VAL A 87 0.31 -13.36 -4.42
C VAL A 87 -0.18 -13.91 -3.10
N VAL A 88 -1.41 -13.56 -2.70
CA VAL A 88 -1.98 -14.11 -1.49
C VAL A 88 -2.02 -15.64 -1.56
N LYS A 89 -2.49 -16.18 -2.69
CA LYS A 89 -2.56 -17.64 -2.84
C LYS A 89 -1.17 -18.26 -2.76
N HIS A 90 -0.15 -17.58 -3.31
CA HIS A 90 1.22 -18.09 -3.31
C HIS A 90 1.73 -18.37 -1.91
N PHE A 91 1.32 -17.58 -0.93
CA PHE A 91 1.74 -17.74 0.45
C PHE A 91 0.77 -18.57 1.27
N ASN A 92 -0.25 -19.14 0.64
CA ASN A 92 -1.27 -19.93 1.32
C ASN A 92 -1.68 -21.10 0.42
N ARG A 93 -0.72 -21.95 0.07
CA ARG A 93 -0.98 -23.08 -0.80
C ARG A 93 -2.02 -24.03 -0.21
N SER A 94 -2.07 -24.16 1.11
CA SER A 94 -2.97 -25.12 1.74
C SER A 94 -4.45 -24.81 1.49
N GLY A 95 -4.76 -23.68 0.87
CA GLY A 95 -6.14 -23.29 0.67
C GLY A 95 -6.81 -22.64 1.85
N GLN A 96 -6.18 -22.68 3.02
CA GLN A 96 -6.63 -21.95 4.19
C GLN A 96 -5.75 -20.70 4.37
N LEU A 97 -6.35 -19.65 4.91
CA LEU A 97 -5.69 -18.36 5.06
C LEU A 97 -4.91 -18.37 6.38
N ARG A 98 -3.58 -18.42 6.28
CA ARG A 98 -2.72 -18.34 7.45
C ARG A 98 -1.71 -17.21 7.41
N TYR A 99 -1.29 -16.76 6.23
CA TYR A 99 -0.32 -15.68 6.14
C TYR A 99 -0.84 -14.63 5.18
N TYR A 100 -0.70 -13.37 5.58
CA TYR A 100 -1.05 -12.26 4.70
C TYR A 100 0.22 -11.58 4.24
N PRO A 101 0.44 -11.46 2.93
CA PRO A 101 1.65 -10.78 2.44
C PRO A 101 1.48 -9.28 2.56
N GLY A 102 2.39 -8.62 3.28
CA GLY A 102 2.48 -7.18 3.31
C GLY A 102 3.01 -6.62 2.01
N SER A 103 3.03 -5.30 1.93
CA SER A 103 3.52 -4.61 0.74
C SER A 103 4.90 -5.05 0.26
N PRO A 104 5.87 -5.36 1.14
CA PRO A 104 7.18 -5.80 0.60
C PRO A 104 7.11 -7.13 -0.13
N LEU A 105 6.23 -8.04 0.29
CA LEU A 105 6.13 -9.33 -0.39
C LEU A 105 5.22 -9.25 -1.62
N ILE A 106 4.21 -8.39 -1.61
CA ILE A 106 3.53 -8.07 -2.86
C ILE A 106 4.57 -7.69 -3.90
N ALA A 107 5.48 -6.79 -3.54
CA ALA A 107 6.48 -6.34 -4.50
C ALA A 107 7.50 -7.44 -4.81
N ARG A 108 7.90 -8.21 -3.80
CA ARG A 108 8.89 -9.27 -4.04
C ARG A 108 8.42 -10.26 -5.08
N GLN A 109 7.12 -10.61 -5.05
CA GLN A 109 6.60 -11.62 -5.97
C GLN A 109 6.25 -11.05 -7.33
N LEU A 110 5.91 -9.77 -7.41
CA LEU A 110 5.49 -9.19 -8.68
C LEU A 110 6.64 -8.58 -9.46
N LEU A 111 7.65 -8.08 -8.78
CA LEU A 111 8.77 -7.46 -9.51
C LEU A 111 9.55 -8.53 -10.30
N ARG A 112 10.23 -8.07 -11.34
CA ARG A 112 10.99 -8.93 -12.25
C ARG A 112 12.46 -8.94 -11.87
N GLU A 113 13.23 -9.73 -12.62
CA GLU A 113 14.66 -9.89 -12.32
C GLU A 113 15.40 -8.56 -12.42
N GLN A 114 14.96 -7.66 -13.30
CA GLN A 114 15.67 -6.41 -13.51
C GLN A 114 15.27 -5.31 -12.53
N ASP A 115 14.26 -5.53 -11.73
CA ASP A 115 13.75 -4.45 -10.88
C ASP A 115 14.45 -4.47 -9.52
N SER A 116 14.28 -3.37 -8.77
CA SER A 116 14.93 -3.21 -7.49
C SER A 116 13.91 -2.84 -6.42
N LEU A 117 14.28 -3.14 -5.19
CA LEU A 117 13.47 -2.82 -4.02
C LEU A 117 14.31 -2.13 -2.98
N GLN A 118 13.76 -1.10 -2.38
CA GLN A 118 14.40 -0.35 -1.29
C GLN A 118 13.37 -0.29 -0.17
N LEU A 119 13.64 -0.96 0.95
CA LEU A 119 12.66 -1.14 2.02
C LEU A 119 13.23 -0.66 3.34
N THR A 120 12.46 0.15 4.07
CA THR A 120 12.89 0.62 5.38
C THR A 120 11.82 0.34 6.43
N GLU A 121 12.28 0.00 7.62
CA GLU A 121 11.38 -0.17 8.75
C GLU A 121 12.17 0.06 10.02
N LEU A 122 11.60 0.83 10.96
CA LEU A 122 12.24 1.13 12.23
C LEU A 122 11.80 0.27 13.39
N HIS A 123 10.66 -0.41 13.28
CA HIS A 123 10.16 -1.21 14.39
C HIS A 123 11.17 -2.29 14.77
N PRO A 124 11.64 -2.32 16.02
CA PRO A 124 12.79 -3.18 16.37
C PRO A 124 12.54 -4.67 16.22
N SER A 125 11.29 -5.14 16.30
CA SER A 125 11.00 -6.54 16.06
C SER A 125 10.57 -6.83 14.63
N ASP A 126 9.95 -5.88 13.94
CA ASP A 126 9.51 -6.12 12.57
C ASP A 126 10.68 -6.07 11.60
N TYR A 127 11.66 -5.21 11.88
CA TYR A 127 12.79 -5.06 10.97
C TYR A 127 13.58 -6.35 10.77
N PRO A 128 13.96 -7.11 11.81
CA PRO A 128 14.65 -8.38 11.56
C PRO A 128 13.87 -9.36 10.72
N LEU A 129 12.53 -9.37 10.84
CA LEU A 129 11.76 -10.23 9.96
C LEU A 129 11.81 -9.74 8.52
N LEU A 130 11.73 -8.42 8.33
CA LEU A 130 11.79 -7.85 6.98
C LEU A 130 13.11 -8.19 6.33
N ARG A 131 14.21 -7.97 7.05
CA ARG A 131 15.52 -8.34 6.53
C ARG A 131 15.55 -9.83 6.16
N SER A 132 14.93 -10.68 6.98
CA SER A 132 14.95 -12.11 6.70
C SER A 132 14.19 -12.49 5.42
N GLU A 133 13.13 -11.73 5.07
CA GLU A 133 12.39 -12.07 3.85
C GLU A 133 13.19 -11.79 2.60
N PHE A 134 14.27 -11.02 2.70
CA PHE A 134 15.06 -10.63 1.53
C PHE A 134 16.50 -11.06 1.64
N GLN A 135 16.83 -11.93 2.59
CA GLN A 135 18.21 -12.37 2.78
C GLN A 135 18.82 -12.92 1.51
N LYS A 136 18.02 -13.55 0.65
CA LYS A 136 18.51 -14.19 -0.57
C LYS A 136 17.94 -13.54 -1.83
N ASP A 137 17.66 -12.23 -1.77
CA ASP A 137 17.10 -11.49 -2.91
C ASP A 137 18.01 -10.30 -3.19
N SER A 138 18.90 -10.47 -4.18
CA SER A 138 19.88 -9.44 -4.53
C SER A 138 19.24 -8.15 -5.05
N ARG A 139 17.98 -8.18 -5.44
CA ARG A 139 17.33 -6.96 -5.92
C ARG A 139 16.97 -6.00 -4.80
N ALA A 140 16.98 -6.47 -3.55
CA ALA A 140 16.42 -5.73 -2.43
C ALA A 140 17.51 -5.20 -1.51
N ARG A 141 17.29 -4.00 -1.00
CA ARG A 141 18.07 -3.44 0.09
C ARG A 141 17.10 -3.12 1.23
N VAL A 142 17.43 -3.58 2.44
CA VAL A 142 16.56 -3.45 3.60
C VAL A 142 17.36 -2.74 4.69
N GLU A 143 16.81 -1.64 5.21
CA GLU A 143 17.52 -0.82 6.18
C GLU A 143 16.60 -0.44 7.34
N LYS A 144 17.18 -0.36 8.53
CA LYS A 144 16.45 0.08 9.72
C LYS A 144 16.62 1.59 9.81
N ALA A 145 15.72 2.32 9.15
CA ALA A 145 15.94 3.75 8.94
C ALA A 145 14.61 4.45 8.73
N ASP A 146 14.62 5.75 9.02
CA ASP A 146 13.44 6.59 8.89
C ASP A 146 12.93 6.60 7.46
N GLY A 147 11.65 6.28 7.29
CA GLY A 147 11.11 6.13 5.95
C GLY A 147 11.02 7.43 5.17
N PHE A 148 10.65 8.51 5.85
CA PHE A 148 10.51 9.78 5.13
C PHE A 148 11.85 10.25 4.60
N GLN A 149 12.94 9.95 5.34
CA GLN A 149 14.27 10.34 4.86
C GLN A 149 14.62 9.64 3.55
N GLN A 150 14.08 8.44 3.32
CA GLN A 150 14.37 7.73 2.07
C GLN A 150 13.88 8.50 0.85
N LEU A 151 12.87 9.36 1.01
CA LEU A 151 12.39 10.16 -0.10
C LEU A 151 13.41 11.19 -0.55
N LYS A 152 14.39 11.50 0.30
CA LYS A 152 15.51 12.36 -0.07
C LYS A 152 16.71 11.55 -0.54
N ALA A 153 17.04 10.49 0.20
CA ALA A 153 18.30 9.79 -0.02
C ALA A 153 18.29 8.85 -1.23
N LYS A 154 17.14 8.27 -1.58
CA LYS A 154 17.09 7.18 -2.53
C LYS A 154 16.43 7.54 -3.85
N LEU A 155 16.07 8.82 -4.04
CA LEU A 155 15.45 9.28 -5.28
C LEU A 155 16.33 10.35 -5.92
N PRO A 156 16.41 10.39 -7.26
CA PRO A 156 15.71 9.48 -8.16
C PRO A 156 16.43 8.14 -8.30
N PRO A 157 15.71 7.10 -8.69
CA PRO A 157 16.35 5.80 -8.91
C PRO A 157 17.29 5.86 -10.09
N VAL A 158 18.35 5.04 -10.03
CA VAL A 158 19.23 4.88 -11.18
C VAL A 158 18.44 4.55 -12.44
N SER A 159 17.39 3.73 -12.30
CA SER A 159 16.59 3.30 -13.44
C SER A 159 15.66 4.38 -13.95
N ARG A 160 15.44 5.44 -13.18
CA ARG A 160 14.58 6.55 -13.54
C ARG A 160 13.12 6.16 -13.71
N ARG A 161 12.70 5.05 -13.09
CA ARG A 161 11.30 4.64 -13.03
C ARG A 161 11.03 4.08 -11.64
N GLY A 162 9.82 4.23 -11.13
CA GLY A 162 9.54 3.61 -9.86
C GLY A 162 8.16 3.87 -9.31
N LEU A 163 7.81 3.02 -8.34
CA LEU A 163 6.64 3.21 -7.49
C LEU A 163 7.16 3.46 -6.07
N ILE A 164 6.69 4.53 -5.45
CA ILE A 164 7.06 4.88 -4.09
C ILE A 164 5.80 4.72 -3.25
N LEU A 165 5.83 3.78 -2.31
CA LEU A 165 4.70 3.57 -1.41
C LEU A 165 5.01 4.24 -0.07
N ILE A 166 4.15 5.14 0.36
CA ILE A 166 4.31 5.87 1.62
C ILE A 166 3.13 5.47 2.48
N ASP A 167 3.41 4.81 3.61
CA ASP A 167 2.37 4.06 4.34
C ASP A 167 2.77 3.98 5.81
N PRO A 168 2.85 5.12 6.49
CA PRO A 168 3.32 5.14 7.90
C PRO A 168 2.21 4.73 8.85
N PRO A 169 2.52 4.59 10.16
CA PRO A 169 1.48 4.10 11.08
C PRO A 169 0.41 5.12 11.39
N TYR A 170 0.69 6.41 11.25
CA TYR A 170 -0.18 7.47 11.75
C TYR A 170 -0.46 7.29 13.24
N GLU A 171 0.51 6.75 13.97
CA GLU A 171 0.45 6.78 15.43
C GLU A 171 0.63 8.20 15.94
N MET A 172 1.56 8.95 15.34
CA MET A 172 1.79 10.34 15.65
C MET A 172 1.02 11.22 14.68
N LYS A 173 0.31 12.21 15.22
CA LYS A 173 -0.39 13.18 14.38
C LYS A 173 0.54 13.84 13.36
N THR A 174 1.84 13.94 13.67
CA THR A 174 2.77 14.56 12.73
C THR A 174 2.89 13.78 11.42
N ASP A 175 2.48 12.51 11.38
CA ASP A 175 2.54 11.75 10.14
C ASP A 175 1.73 12.44 9.04
N TYR A 176 0.61 13.06 9.41
CA TYR A 176 -0.25 13.71 8.41
C TYR A 176 0.47 14.88 7.73
N GLN A 177 1.41 15.51 8.43
CA GLN A 177 2.29 16.51 7.83
C GLN A 177 3.52 15.88 7.18
N ALA A 178 4.12 14.89 7.86
CA ALA A 178 5.34 14.30 7.33
C ALA A 178 5.14 13.70 5.95
N VAL A 179 3.96 13.11 5.68
CA VAL A 179 3.75 12.47 4.39
C VAL A 179 3.77 13.49 3.26
N VAL A 180 3.25 14.69 3.51
CA VAL A 180 3.16 15.70 2.46
C VAL A 180 4.53 16.31 2.16
N SER A 181 5.24 16.72 3.20
CA SER A 181 6.58 17.26 2.97
C SER A 181 7.49 16.19 2.38
N GLY A 182 7.34 14.95 2.83
CA GLY A 182 8.11 13.85 2.27
C GLY A 182 7.85 13.67 0.78
N ILE A 183 6.57 13.61 0.40
CA ILE A 183 6.22 13.55 -1.02
C ILE A 183 6.85 14.71 -1.78
N ALA A 184 6.81 15.91 -1.20
CA ALA A 184 7.39 17.08 -1.85
C ALA A 184 8.89 16.90 -2.06
N GLU A 185 9.59 16.36 -1.07
CA GLU A 185 11.04 16.13 -1.22
C GLU A 185 11.31 15.13 -2.33
N GLY A 186 10.59 14.01 -2.34
CA GLY A 186 10.78 13.02 -3.38
C GLY A 186 10.43 13.55 -4.76
N TYR A 187 9.29 14.23 -4.87
CA TYR A 187 8.81 14.68 -6.17
C TYR A 187 9.80 15.64 -6.81
N LYS A 188 10.38 16.52 -6.01
CA LYS A 188 11.38 17.47 -6.49
C LYS A 188 12.60 16.76 -7.08
N ARG A 189 13.00 15.64 -6.47
CA ARG A 189 14.11 14.85 -7.00
C ARG A 189 13.69 13.93 -8.13
N PHE A 190 12.40 13.58 -8.23
CA PHE A 190 11.98 12.52 -9.17
C PHE A 190 10.52 12.80 -9.52
N ALA A 191 10.30 13.75 -10.44
CA ALA A 191 8.95 14.23 -10.67
C ALA A 191 8.09 13.31 -11.53
N THR A 192 8.68 12.28 -12.14
CA THR A 192 7.93 11.37 -12.98
C THR A 192 7.57 10.06 -12.27
N GLY A 193 8.03 9.88 -11.03
CA GLY A 193 7.68 8.67 -10.31
C GLY A 193 6.21 8.61 -9.99
N THR A 194 5.74 7.41 -9.68
CA THR A 194 4.38 7.23 -9.15
C THR A 194 4.48 7.11 -7.65
N TYR A 195 3.81 8.02 -6.93
CA TYR A 195 3.81 8.01 -5.48
C TYR A 195 2.42 7.60 -5.03
N ALA A 196 2.36 6.60 -4.17
CA ALA A 196 1.09 6.11 -3.66
C ALA A 196 1.14 6.27 -2.15
N LEU A 197 0.18 7.03 -1.62
CA LEU A 197 0.11 7.34 -0.19
C LEU A 197 -1.14 6.68 0.37
N TRP A 198 -0.95 5.88 1.41
CA TRP A 198 -2.09 5.31 2.15
C TRP A 198 -2.41 6.20 3.33
N TYR A 199 -3.70 6.41 3.58
CA TYR A 199 -4.14 7.22 4.71
C TYR A 199 -5.38 6.59 5.35
N PRO A 200 -5.50 6.70 6.67
CA PRO A 200 -6.74 6.28 7.33
C PRO A 200 -7.65 7.48 7.52
N VAL A 201 -8.97 7.28 7.49
CA VAL A 201 -9.91 8.32 7.88
C VAL A 201 -10.36 7.99 9.29
N VAL A 202 -9.84 8.72 10.26
CA VAL A 202 -10.38 8.71 11.62
C VAL A 202 -11.22 9.96 11.88
N LEU A 203 -10.63 11.13 11.72
CA LEU A 203 -11.38 12.40 11.66
C LEU A 203 -11.23 12.95 10.26
N ARG A 204 -12.35 13.20 9.59
CA ARG A 204 -12.30 13.74 8.23
C ARG A 204 -11.51 15.04 8.19
N GLN A 205 -11.57 15.83 9.26
CA GLN A 205 -10.86 17.11 9.31
C GLN A 205 -9.36 16.93 9.04
N GLN A 206 -8.76 15.87 9.58
CA GLN A 206 -7.32 15.67 9.38
C GLN A 206 -7.01 15.40 7.92
N ILE A 207 -7.82 14.57 7.26
CA ILE A 207 -7.61 14.28 5.84
C ILE A 207 -7.92 15.51 5.00
N LYS A 208 -8.92 16.30 5.39
CA LYS A 208 -9.18 17.54 4.67
C LYS A 208 -7.96 18.46 4.71
N ARG A 209 -7.33 18.57 5.89
CA ARG A 209 -6.15 19.43 6.01
C ARG A 209 -4.95 18.85 5.23
N MET A 210 -4.76 17.53 5.29
CA MET A 210 -3.63 16.91 4.58
C MET A 210 -3.74 17.16 3.09
N ILE A 211 -4.93 16.94 2.53
CA ILE A 211 -5.14 17.15 1.10
C ILE A 211 -4.94 18.61 0.73
N HIS A 212 -5.40 19.53 1.59
CA HIS A 212 -5.14 20.95 1.36
C HIS A 212 -3.64 21.23 1.29
N ASP A 213 -2.86 20.64 2.21
CA ASP A 213 -1.42 20.79 2.16
C ASP A 213 -0.86 20.19 0.88
N LEU A 214 -1.39 19.03 0.47
CA LEU A 214 -0.89 18.39 -0.75
C LEU A 214 -1.12 19.25 -1.97
N GLU A 215 -2.31 19.84 -2.09
CA GLU A 215 -2.56 20.77 -3.18
C GLU A 215 -1.57 21.93 -3.18
N ALA A 216 -1.15 22.38 -1.98
CA ALA A 216 -0.27 23.53 -1.88
C ALA A 216 1.14 23.24 -2.37
N THR A 217 1.52 21.97 -2.51
CA THR A 217 2.82 21.66 -3.08
C THR A 217 2.92 22.06 -4.54
N GLY A 218 1.79 22.31 -5.22
CA GLY A 218 1.80 22.57 -6.64
C GLY A 218 1.82 21.33 -7.52
N ILE A 219 1.90 20.14 -6.94
CA ILE A 219 2.01 18.91 -7.71
C ILE A 219 0.69 18.64 -8.41
N ARG A 220 0.76 18.29 -9.69
CA ARG A 220 -0.42 17.99 -10.50
C ARG A 220 -0.60 16.48 -10.64
N LYS A 221 -1.74 16.10 -11.22
CA LYS A 221 -2.05 14.71 -11.54
C LYS A 221 -2.09 13.82 -10.28
N ILE A 222 -3.01 14.18 -9.38
CA ILE A 222 -3.14 13.52 -8.08
C ILE A 222 -4.51 12.88 -8.03
N LEU A 223 -4.55 11.55 -8.00
CA LEU A 223 -5.79 10.79 -7.95
C LEU A 223 -6.08 10.34 -6.53
N GLN A 224 -7.37 10.27 -6.16
CA GLN A 224 -7.77 9.83 -4.84
C GLN A 224 -8.73 8.66 -4.96
N ILE A 225 -8.44 7.58 -4.24
CA ILE A 225 -9.24 6.35 -4.22
C ILE A 225 -9.54 6.06 -2.76
N GLU A 226 -10.84 6.03 -2.40
CA GLU A 226 -11.17 5.88 -0.99
C GLU A 226 -12.29 4.89 -0.82
N LEU A 227 -12.14 3.99 0.15
CA LEU A 227 -13.15 2.99 0.48
C LEU A 227 -13.54 3.18 1.95
N ALA A 228 -14.80 3.52 2.19
CA ALA A 228 -15.31 3.73 3.54
C ALA A 228 -16.24 2.58 3.87
N VAL A 229 -16.05 1.97 5.04
CA VAL A 229 -16.97 0.93 5.53
C VAL A 229 -18.07 1.52 6.40
N LEU A 230 -17.89 2.72 6.91
CA LEU A 230 -18.89 3.45 7.67
C LEU A 230 -18.78 4.91 7.25
N PRO A 231 -19.86 5.67 7.39
CA PRO A 231 -19.75 7.12 7.17
C PRO A 231 -18.84 7.73 8.22
N ASP A 232 -18.36 8.94 7.90
CA ASP A 232 -17.43 9.66 8.77
C ASP A 232 -17.99 9.79 10.18
N SER A 233 -17.09 9.74 11.16
CA SER A 233 -17.46 9.82 12.56
C SER A 233 -16.41 10.60 13.33
N ASP A 234 -16.75 10.96 14.58
CA ASP A 234 -15.78 11.51 15.51
C ASP A 234 -15.45 10.53 16.64
N ARG A 235 -15.93 9.28 16.55
CA ARG A 235 -15.77 8.35 17.67
C ARG A 235 -15.78 6.88 17.26
N ARG A 236 -15.61 6.56 15.98
CA ARG A 236 -15.67 5.18 15.52
C ARG A 236 -14.31 4.65 15.06
N GLY A 237 -13.21 5.30 15.44
CA GLY A 237 -11.96 4.81 14.92
C GLY A 237 -11.92 5.01 13.42
N MET A 238 -11.16 4.15 12.74
CA MET A 238 -10.97 4.27 11.31
C MET A 238 -12.22 3.78 10.58
N THR A 239 -12.96 4.70 9.96
CA THR A 239 -14.16 4.36 9.21
C THR A 239 -13.87 4.14 7.72
N ALA A 240 -12.67 4.47 7.27
CA ALA A 240 -12.39 4.49 5.83
C ALA A 240 -10.88 4.56 5.70
N SER A 241 -10.40 4.21 4.51
CA SER A 241 -9.00 4.42 4.16
C SER A 241 -8.92 4.73 2.68
N GLY A 242 -7.78 5.27 2.27
CA GLY A 242 -7.65 5.63 0.88
C GLY A 242 -6.23 5.51 0.38
N MET A 243 -6.11 5.61 -0.93
CA MET A 243 -4.82 5.70 -1.60
C MET A 243 -4.83 6.96 -2.44
N ILE A 244 -3.88 7.84 -2.19
CA ILE A 244 -3.66 9.04 -3.01
C ILE A 244 -2.48 8.72 -3.91
N VAL A 245 -2.65 8.85 -5.22
CA VAL A 245 -1.65 8.40 -6.19
C VAL A 245 -1.28 9.58 -7.07
N ILE A 246 0.00 9.96 -7.04
CA ILE A 246 0.54 11.01 -7.88
C ILE A 246 1.15 10.32 -9.10
N ASN A 247 0.86 10.83 -10.28
CA ASN A 247 1.25 10.19 -11.54
C ASN A 247 0.71 8.77 -11.61
N PRO A 248 -0.60 8.58 -11.52
CA PRO A 248 -1.13 7.23 -11.58
C PRO A 248 -0.95 6.66 -12.97
N PRO A 249 -0.73 5.35 -13.09
CA PRO A 249 -0.66 4.74 -14.43
C PRO A 249 -1.95 4.96 -15.19
N TRP A 250 -1.86 4.80 -16.52
CA TRP A 250 -2.92 5.24 -17.42
C TRP A 250 -4.26 4.57 -17.12
N LYS A 251 -4.24 3.30 -16.73
CA LYS A 251 -5.49 2.56 -16.58
C LYS A 251 -6.00 2.50 -15.14
N LEU A 252 -5.29 3.12 -14.19
CA LEU A 252 -5.63 2.94 -12.77
C LEU A 252 -7.03 3.45 -12.45
N GLU A 253 -7.36 4.65 -12.91
CA GLU A 253 -8.67 5.20 -12.60
C GLU A 253 -9.79 4.33 -13.14
N GLN A 254 -9.66 3.86 -14.38
CA GLN A 254 -10.66 2.96 -14.95
C GLN A 254 -10.70 1.63 -14.18
N GLN A 255 -9.53 1.09 -13.82
CA GLN A 255 -9.52 -0.17 -13.07
C GLN A 255 -10.26 -0.04 -11.73
N MET A 256 -10.03 1.06 -11.02
CA MET A 256 -10.65 1.20 -9.71
C MET A 256 -12.16 1.43 -9.83
N ASN A 257 -12.58 2.18 -10.86
CA ASN A 257 -14.01 2.32 -11.12
C ASN A 257 -14.65 0.97 -11.47
N ASN A 258 -13.89 0.09 -12.12
CA ASN A 258 -14.37 -1.25 -12.45
C ASN A 258 -14.52 -2.12 -11.20
N VAL A 259 -13.62 -1.97 -10.24
CA VAL A 259 -13.49 -2.96 -9.17
C VAL A 259 -14.04 -2.48 -7.82
N LEU A 260 -14.16 -1.18 -7.58
CA LEU A 260 -14.60 -0.71 -6.26
C LEU A 260 -16.02 -1.14 -5.90
N PRO A 261 -17.02 -1.10 -6.80
CA PRO A 261 -18.35 -1.58 -6.42
C PRO A 261 -18.35 -3.03 -5.95
N TRP A 262 -17.67 -3.91 -6.66
CA TRP A 262 -17.59 -5.31 -6.22
C TRP A 262 -16.87 -5.42 -4.88
N LEU A 263 -15.72 -4.74 -4.76
CA LEU A 263 -14.99 -4.78 -3.49
C LEU A 263 -15.85 -4.29 -2.35
N HIS A 264 -16.60 -3.21 -2.58
CA HIS A 264 -17.40 -2.66 -1.49
C HIS A 264 -18.52 -3.62 -1.13
N SER A 265 -19.09 -4.32 -2.12
CA SER A 265 -20.18 -5.26 -1.82
C SER A 265 -19.70 -6.40 -0.95
N LYS A 266 -18.43 -6.82 -1.12
CA LYS A 266 -17.93 -7.92 -0.31
C LYS A 266 -17.39 -7.45 1.02
N LEU A 267 -16.68 -6.32 1.04
CA LEU A 267 -16.06 -5.84 2.26
C LEU A 267 -17.04 -5.19 3.21
N VAL A 268 -18.19 -4.72 2.72
CA VAL A 268 -19.13 -3.95 3.52
C VAL A 268 -20.51 -4.58 3.36
N PRO A 269 -20.82 -5.66 4.09
CA PRO A 269 -22.13 -6.31 3.90
C PRO A 269 -23.32 -5.38 4.07
N ALA A 270 -23.20 -4.36 4.91
CA ALA A 270 -24.34 -3.47 5.15
C ALA A 270 -24.50 -2.42 4.07
N GLY A 271 -23.56 -2.31 3.13
CA GLY A 271 -23.67 -1.31 2.10
C GLY A 271 -23.42 0.11 2.55
N THR A 272 -22.91 0.29 3.76
CA THR A 272 -22.68 1.60 4.35
C THR A 272 -21.35 2.17 3.85
N GLY A 273 -21.13 3.45 4.17
CA GLY A 273 -19.94 4.13 3.67
C GLY A 273 -20.04 4.40 2.18
N HIS A 274 -18.90 4.29 1.50
CA HIS A 274 -18.83 4.65 0.09
C HIS A 274 -17.54 4.09 -0.48
N ALA A 275 -17.36 4.25 -1.79
CA ALA A 275 -16.14 3.83 -2.46
C ALA A 275 -16.02 4.69 -3.71
N THR A 276 -15.05 5.60 -3.73
CA THR A 276 -15.00 6.62 -4.76
C THR A 276 -13.61 6.71 -5.37
N VAL A 277 -13.57 7.18 -6.61
CA VAL A 277 -12.35 7.59 -7.30
C VAL A 277 -12.59 8.98 -7.87
N SER A 278 -11.66 9.90 -7.58
CA SER A 278 -11.78 11.27 -8.03
C SER A 278 -10.40 11.90 -8.06
N TRP A 279 -10.31 13.08 -8.67
CA TRP A 279 -9.06 13.78 -8.83
C TRP A 279 -8.97 14.88 -7.77
N ILE A 280 -7.90 14.84 -6.98
CA ILE A 280 -7.57 15.99 -6.14
C ILE A 280 -7.06 17.13 -7.00
N VAL A 281 -6.08 16.83 -7.87
CA VAL A 281 -5.53 17.80 -8.80
C VAL A 281 -5.39 17.09 -10.15
N PRO A 282 -6.06 17.55 -11.19
CA PRO A 282 -5.93 16.92 -12.51
C PRO A 282 -4.62 17.33 -13.17
N GLU A 283 -4.44 16.85 -14.40
CA GLU A 283 -3.31 17.24 -15.23
C GLU A 283 -3.31 18.77 -15.40
O22 HZ2 B . -3.03 4.38 11.06
O32 HZ2 B . -1.62 -4.98 7.91
C02 HZ2 B . 3.41 -1.80 4.98
C03 HZ2 B . 2.88 -1.16 6.25
C04 HZ2 B . 3.06 -2.07 7.53
C06 HZ2 B . 3.03 -1.90 10.05
C07 HZ2 B . 2.15 -1.55 11.30
C09 HZ2 B . 1.30 0.41 12.80
C10 HZ2 B . 0.06 0.89 12.22
C12 HZ2 B . -1.63 1.45 10.97
C14 HZ2 B . -3.21 2.48 12.70
C16 HZ2 B . -5.53 2.21 12.11
C17 HZ2 B . -5.62 1.08 11.03
C19 HZ2 B . -5.16 3.37 11.54
C21 HZ2 B . -3.64 3.14 11.31
C23 HZ2 B . -0.90 1.48 13.02
C25 HZ2 B . 0.46 1.16 14.86
C27 HZ2 B . 0.92 -1.31 8.69
C28 HZ2 B . 0.22 -2.72 8.47
C30 HZ2 B . -1.34 -3.73 10.00
C31 HZ2 B . -1.88 -3.71 8.53
C33 HZ2 B . -1.03 -2.59 7.93
C36 HZ2 B . -3.06 -1.99 10.62
C38 HZ2 B . -2.58 -1.66 12.72
C39 HZ2 B . -2.41 -1.33 14.06
C42 HZ2 B . -0.63 -2.83 14.22
C44 HZ2 B . -1.69 -2.62 12.19
C45 HZ2 B . 2.45 -2.84 4.39
N01 HZ2 B . 3.66 -0.73 3.98
N05 HZ2 B . 2.44 -1.37 8.74
N08 HZ2 B . 2.36 -0.23 11.97
N11 HZ2 B . -0.44 0.89 10.95
N13 HZ2 B . -1.93 1.84 12.20
N24 HZ2 B . -0.70 1.60 14.35
N26 HZ2 B . 1.42 0.58 14.09
N35 HZ2 B . -2.01 -2.79 10.91
N37 HZ2 B . -3.41 -1.30 11.71
N40 HZ2 B . -3.28 -0.37 14.74
N41 HZ2 B . -1.44 -1.94 14.76
N43 HZ2 B . -0.74 -3.18 12.95
O15 HZ2 B . -4.31 1.86 13.12
O18 HZ2 B . -6.03 -0.06 11.65
O20 HZ2 B . -5.37 4.46 12.46
O29 HZ2 B . -0.04 -3.42 9.91
O34 HZ2 B . -1.04 -2.66 6.55
O46 HZ2 B . 2.50 -4.08 4.82
O47 HZ2 B . 1.58 -2.49 3.49
#